data_8C0S
#
_entry.id   8C0S
#
_cell.length_a   47.027
_cell.length_b   107.943
_cell.length_c   56.390
_cell.angle_alpha   90.000
_cell.angle_beta   109.454
_cell.angle_gamma   90.000
#
_symmetry.space_group_name_H-M   'P 1 21 1'
#
loop_
_entity.id
_entity.type
_entity.pdbx_description
1 polymer 'Regulatory protein BlaR1'
2 non-polymer 3-[[2,4-bis(trifluoromethyl)phenyl]methyl]-5-(hydroxymethyl)-1~{H}-imidazole-2-thione
3 water water
#
_entity_poly.entity_id   1
_entity_poly.type   'polypeptide(L)'
_entity_poly.pdbx_seq_one_letter_code
;QSITDYNYKKPLHNDYQILDKSKIFGSNSGSFVMYSMAADAYYIYNEKESRKRYSPNSTYKIYLAMFGLDRHIINDENSR
MSWNHKHYPFDAWNKEQDLNTAMQNSVNWYFERISDQIPKNYTATQLKQLNYGNKNLGSYKSYWMEDSLKISNLEQVIVF
KNMMEQNNHFSKKAKNQLSSSLLIKKNEKYELYGKTGTGIVNGKYNNGWFVGYVITNHDKYYFATHLSDGKPSGKNAELI
SEKILKEMGVLNGQ
;
_entity_poly.pdbx_strand_id   A,B
#
loop_
_chem_comp.id
_chem_comp.type
_chem_comp.name
_chem_comp.formula
SYU non-polymer 3-[[2,4-bis(trifluoromethyl)phenyl]methyl]-5-(hydroxymethyl)-1~{H}-imidazole-2-thione 'C13 H10 F6 N2 O S'
#
# COMPACT_ATOMS: atom_id res chain seq x y z
N SER A 2 -33.89 -23.40 9.73
CA SER A 2 -33.21 -22.62 8.66
C SER A 2 -34.17 -21.62 8.01
N ILE A 3 -35.18 -21.15 8.77
CA ILE A 3 -36.30 -20.37 8.22
C ILE A 3 -35.93 -18.88 8.23
N THR A 4 -35.34 -18.44 9.34
CA THR A 4 -34.78 -17.09 9.46
C THR A 4 -33.26 -17.19 9.51
N ASP A 5 -32.74 -18.19 8.78
CA ASP A 5 -31.34 -18.26 8.42
C ASP A 5 -31.09 -17.48 7.12
N TYR A 6 -32.16 -17.03 6.44
CA TYR A 6 -32.03 -16.14 5.29
C TYR A 6 -31.93 -14.68 5.70
N ASN A 7 -32.14 -14.39 6.99
CA ASN A 7 -32.26 -13.02 7.44
C ASN A 7 -31.51 -12.81 8.73
N TYR A 8 -30.85 -11.66 8.79
CA TYR A 8 -30.20 -11.17 9.97
C TYR A 8 -31.22 -10.29 10.68
N LYS A 9 -31.67 -10.75 11.85
CA LYS A 9 -32.78 -10.12 12.58
C LYS A 9 -32.24 -9.22 13.69
N LYS A 10 -31.04 -9.54 14.19
CA LYS A 10 -30.53 -8.97 15.43
C LYS A 10 -30.60 -7.44 15.38
N PRO A 11 -31.16 -6.79 16.43
CA PRO A 11 -31.30 -5.34 16.43
C PRO A 11 -29.94 -4.66 16.62
N LEU A 12 -29.84 -3.46 16.06
CA LEU A 12 -28.68 -2.60 16.20
C LEU A 12 -28.86 -1.81 17.51
N HIS A 13 -27.98 -2.06 18.49
CA HIS A 13 -27.89 -1.19 19.66
C HIS A 13 -26.77 -0.17 19.44
N ASN A 14 -26.92 0.58 18.34
CA ASN A 14 -26.02 1.65 17.92
C ASN A 14 -26.86 2.80 17.35
N ASP A 15 -26.27 4.00 17.37
CA ASP A 15 -26.79 5.09 16.57
C ASP A 15 -26.77 4.68 15.11
N TYR A 16 -27.88 4.94 14.41
CA TYR A 16 -27.90 4.74 12.97
C TYR A 16 -28.78 5.78 12.31
N GLN A 17 -28.46 6.04 11.06
CA GLN A 17 -29.12 7.02 10.24
C GLN A 17 -29.55 6.28 8.98
N ILE A 18 -30.81 6.42 8.60
CA ILE A 18 -31.31 5.88 7.35
C ILE A 18 -30.98 6.89 6.25
N LEU A 19 -30.55 6.39 5.08
CA LEU A 19 -30.11 7.20 3.96
C LEU A 19 -31.07 6.98 2.79
N ASP A 20 -31.05 7.92 1.84
CA ASP A 20 -31.75 7.73 0.58
C ASP A 20 -30.73 7.86 -0.56
N LYS A 21 -30.35 6.72 -1.13
CA LYS A 21 -29.35 6.69 -2.19
C LYS A 21 -29.96 6.06 -3.44
N SER A 22 -31.29 6.06 -3.50
CA SER A 22 -32.06 5.47 -4.59
C SER A 22 -31.69 6.10 -5.93
N LYS A 23 -31.33 7.39 -5.90
CA LYS A 23 -30.92 8.09 -7.11
C LYS A 23 -29.66 7.44 -7.68
N ILE A 24 -28.63 7.21 -6.84
CA ILE A 24 -27.38 6.64 -7.30
C ILE A 24 -27.57 5.18 -7.75
N PHE A 25 -28.45 4.43 -7.09
CA PHE A 25 -28.67 3.02 -7.44
C PHE A 25 -29.37 2.90 -8.80
N GLY A 26 -30.19 3.89 -9.14
CA GLY A 26 -30.83 3.92 -10.46
C GLY A 26 -31.77 2.73 -10.61
N SER A 27 -31.58 1.93 -11.66
CA SER A 27 -32.42 0.77 -11.92
C SER A 27 -31.89 -0.49 -11.23
N ASN A 28 -30.76 -0.40 -10.51
CA ASN A 28 -30.26 -1.51 -9.71
C ASN A 28 -30.96 -1.52 -8.36
N SER A 29 -31.25 -2.72 -7.85
CA SER A 29 -31.80 -2.88 -6.52
C SER A 29 -30.70 -3.36 -5.58
N GLY A 30 -30.67 -2.83 -4.35
CA GLY A 30 -29.80 -3.38 -3.32
C GLY A 30 -29.71 -2.48 -2.10
N SER A 31 -28.54 -2.51 -1.44
CA SER A 31 -28.38 -1.76 -0.20
C SER A 31 -26.97 -1.25 -0.07
N PHE A 32 -26.81 -0.32 0.88
CA PHE A 32 -25.51 0.24 1.19
C PHE A 32 -25.46 0.39 2.69
N VAL A 33 -24.34 -0.05 3.29
CA VAL A 33 -24.15 0.08 4.72
C VAL A 33 -22.78 0.69 4.96
N MET A 34 -22.68 1.64 5.87
CA MET A 34 -21.39 2.17 6.25
C MET A 34 -21.33 2.34 7.77
N TYR A 35 -20.13 2.19 8.32
CA TYR A 35 -19.90 2.37 9.74
C TYR A 35 -18.74 3.32 9.92
N SER A 36 -18.92 4.32 10.81
CA SER A 36 -17.88 5.28 11.16
C SER A 36 -17.30 4.90 12.53
N MET A 37 -15.98 4.75 12.60
CA MET A 37 -15.29 4.42 13.85
C MET A 37 -15.42 5.58 14.84
N ALA A 38 -15.29 6.83 14.35
CA ALA A 38 -15.32 8.02 15.19
C ALA A 38 -16.73 8.22 15.76
N ALA A 39 -17.78 8.09 14.93
CA ALA A 39 -19.16 8.24 15.38
C ALA A 39 -19.70 6.97 16.06
N ASP A 40 -19.04 5.82 15.87
CA ASP A 40 -19.54 4.52 16.30
C ASP A 40 -20.99 4.33 15.83
N ALA A 41 -21.27 4.76 14.59
CA ALA A 41 -22.63 4.78 14.06
C ALA A 41 -22.70 4.19 12.66
N TYR A 42 -23.90 3.66 12.32
CA TYR A 42 -24.18 3.04 11.03
C TYR A 42 -25.00 3.99 10.18
N TYR A 43 -24.75 3.97 8.87
CA TYR A 43 -25.56 4.67 7.89
C TYR A 43 -26.06 3.64 6.88
N ILE A 44 -27.38 3.50 6.77
CA ILE A 44 -27.97 2.41 5.99
C ILE A 44 -28.94 2.92 4.93
N TYR A 45 -28.73 2.49 3.67
CA TYR A 45 -29.74 2.59 2.64
C TYR A 45 -30.39 1.22 2.42
N ASN A 46 -31.73 1.19 2.59
CA ASN A 46 -32.55 0.03 2.33
C ASN A 46 -32.27 -1.05 3.38
N GLU A 47 -32.72 -0.77 4.61
CA GLU A 47 -32.41 -1.60 5.77
C GLU A 47 -32.99 -3.00 5.60
N LYS A 48 -34.10 -3.12 4.86
CA LYS A 48 -34.75 -4.39 4.59
C LYS A 48 -33.84 -5.28 3.73
N GLU A 49 -33.39 -4.79 2.57
CA GLU A 49 -32.48 -5.51 1.71
C GLU A 49 -31.17 -5.79 2.47
N SER A 50 -30.73 -4.83 3.30
CA SER A 50 -29.45 -4.90 3.98
C SER A 50 -29.41 -6.06 4.97
N ARG A 51 -30.57 -6.62 5.35
CA ARG A 51 -30.61 -7.69 6.33
C ARG A 51 -30.89 -9.04 5.66
N LYS A 52 -31.10 -9.07 4.34
CA LYS A 52 -31.26 -10.34 3.64
C LYS A 52 -29.87 -10.92 3.38
N ARG A 53 -29.74 -12.23 3.60
CA ARG A 53 -28.49 -12.94 3.46
C ARG A 53 -28.32 -13.48 2.04
N TYR A 54 -27.15 -13.20 1.44
CA TYR A 54 -26.81 -13.73 0.12
C TYR A 54 -25.43 -14.40 0.16
N SER A 55 -25.13 -15.15 -0.91
CA SER A 55 -23.81 -15.76 -1.04
C SER A 55 -22.79 -14.62 -1.08
N PRO A 56 -21.67 -14.70 -0.31
CA PRO A 56 -20.63 -13.67 -0.35
C PRO A 56 -19.77 -13.67 -1.61
N ASN A 57 -19.80 -14.77 -2.38
CA ASN A 57 -18.94 -14.96 -3.54
C ASN A 57 -17.49 -14.61 -3.16
N SER A 58 -16.77 -13.90 -4.04
CA SER A 58 -15.34 -13.62 -3.87
C SER A 58 -15.08 -12.68 -2.70
N THR A 59 -16.09 -12.02 -2.12
CA THR A 59 -15.83 -11.25 -0.91
C THR A 59 -15.30 -12.16 0.19
N TYR A 60 -15.65 -13.46 0.13
CA TYR A 60 -15.22 -14.38 1.17
C TYR A 60 -13.71 -14.64 1.07
N LYS A 61 -13.09 -14.27 -0.05
CA LYS A 61 -11.63 -14.41 -0.14
C LYS A 61 -10.88 -13.61 0.92
N ILE A 62 -11.51 -12.55 1.45
CA ILE A 62 -10.98 -11.82 2.58
C ILE A 62 -10.71 -12.79 3.75
N TYR A 63 -11.71 -13.64 4.04
CA TYR A 63 -11.66 -14.52 5.20
C TYR A 63 -10.78 -15.74 4.93
N LEU A 64 -10.79 -16.26 3.69
CA LEU A 64 -9.88 -17.33 3.30
C LEU A 64 -8.43 -16.86 3.39
N ALA A 65 -8.17 -15.61 3.01
CA ALA A 65 -6.85 -15.00 3.19
C ALA A 65 -6.45 -14.95 4.67
N MET A 66 -7.36 -14.48 5.52
N MET A 66 -7.36 -14.47 5.53
CA MET A 66 -7.09 -14.38 6.95
CA MET A 66 -7.08 -14.39 6.96
C MET A 66 -6.84 -15.76 7.56
C MET A 66 -6.84 -15.77 7.57
N PHE A 67 -7.63 -16.78 7.17
CA PHE A 67 -7.49 -18.12 7.73
C PHE A 67 -6.16 -18.75 7.27
N GLY A 68 -5.83 -18.60 5.99
CA GLY A 68 -4.56 -19.02 5.44
C GLY A 68 -3.35 -18.47 6.21
N LEU A 69 -3.40 -17.17 6.52
CA LEU A 69 -2.33 -16.49 7.24
C LEU A 69 -2.24 -17.02 8.66
N ASP A 70 -3.39 -17.14 9.33
CA ASP A 70 -3.50 -17.58 10.72
C ASP A 70 -2.97 -19.01 10.90
N ARG A 71 -3.20 -19.89 9.90
CA ARG A 71 -2.77 -21.28 9.94
C ARG A 71 -1.40 -21.46 9.28
N HIS A 72 -0.82 -20.38 8.75
CA HIS A 72 0.52 -20.35 8.22
C HIS A 72 0.62 -21.13 6.91
N ILE A 73 -0.53 -21.37 6.25
CA ILE A 73 -0.57 -21.88 4.89
C ILE A 73 0.16 -20.92 3.96
N ILE A 74 -0.01 -19.60 4.21
CA ILE A 74 0.82 -18.57 3.60
C ILE A 74 1.37 -17.70 4.71
N ASN A 75 2.39 -16.89 4.41
CA ASN A 75 2.90 -15.94 5.39
C ASN A 75 3.55 -14.74 4.69
N ASP A 76 4.23 -13.89 5.46
CA ASP A 76 4.82 -12.66 4.96
C ASP A 76 6.20 -12.92 4.31
N GLU A 77 6.78 -14.10 4.58
CA GLU A 77 8.01 -14.50 3.91
C GLU A 77 7.67 -15.09 2.54
N ASN A 78 6.60 -15.89 2.48
CA ASN A 78 6.25 -16.61 1.27
C ASN A 78 4.74 -16.86 1.23
N SER A 79 4.05 -16.18 0.29
CA SER A 79 2.64 -16.43 0.02
C SER A 79 2.46 -16.89 -1.42
N ARG A 80 3.57 -17.25 -2.08
CA ARG A 80 3.59 -17.62 -3.49
C ARG A 80 3.03 -19.02 -3.68
N MET A 81 2.24 -19.19 -4.76
CA MET A 81 1.69 -20.47 -5.15
C MET A 81 1.85 -20.61 -6.67
N SER A 82 2.34 -21.79 -7.10
CA SER A 82 2.62 -22.06 -8.49
C SER A 82 1.32 -22.39 -9.23
N TRP A 83 1.20 -21.89 -10.46
CA TRP A 83 0.17 -22.25 -11.42
C TRP A 83 0.09 -23.78 -11.56
N ASN A 84 -1.12 -24.33 -11.77
CA ASN A 84 -1.28 -25.76 -12.01
C ASN A 84 -1.28 -26.11 -13.50
N HIS A 85 -0.81 -25.17 -14.33
CA HIS A 85 -0.68 -25.36 -15.76
C HIS A 85 -2.04 -25.72 -16.36
N LYS A 86 -3.08 -25.05 -15.84
CA LYS A 86 -4.44 -25.15 -16.33
C LYS A 86 -4.86 -23.79 -16.91
N HIS A 87 -5.35 -23.80 -18.17
CA HIS A 87 -5.59 -22.56 -18.91
C HIS A 87 -6.94 -21.97 -18.51
N TYR A 88 -6.89 -20.79 -17.86
CA TYR A 88 -8.09 -20.03 -17.61
C TYR A 88 -8.26 -19.01 -18.74
N PRO A 89 -9.50 -18.49 -18.94
CA PRO A 89 -9.75 -17.45 -19.94
C PRO A 89 -9.21 -16.04 -19.62
N PHE A 90 -8.44 -15.92 -18.54
CA PHE A 90 -7.77 -14.65 -18.22
C PHE A 90 -6.30 -14.94 -17.91
N ASP A 91 -5.38 -14.29 -18.63
CA ASP A 91 -3.96 -14.59 -18.51
C ASP A 91 -3.40 -14.16 -17.14
N ALA A 92 -4.08 -13.26 -16.44
CA ALA A 92 -3.68 -12.90 -15.08
C ALA A 92 -3.73 -14.12 -14.14
N TRP A 93 -4.57 -15.11 -14.46
CA TRP A 93 -4.68 -16.31 -13.64
C TRP A 93 -3.65 -17.36 -14.06
N ASN A 94 -3.13 -17.28 -15.30
CA ASN A 94 -2.31 -18.33 -15.90
C ASN A 94 -0.84 -18.13 -15.53
N LYS A 95 -0.53 -18.09 -14.23
CA LYS A 95 0.82 -17.83 -13.76
C LYS A 95 0.87 -17.98 -12.23
N GLU A 96 2.09 -17.85 -11.70
CA GLU A 96 2.33 -17.85 -10.26
C GLU A 96 1.69 -16.62 -9.61
N GLN A 97 1.24 -16.79 -8.37
CA GLN A 97 0.53 -15.75 -7.63
C GLN A 97 1.18 -15.61 -6.27
N ASP A 98 1.01 -14.42 -5.67
CA ASP A 98 1.15 -14.22 -4.24
C ASP A 98 -0.20 -13.71 -3.71
N LEU A 99 -0.29 -13.41 -2.41
CA LEU A 99 -1.56 -12.98 -1.85
C LEU A 99 -2.09 -11.74 -2.60
N ASN A 100 -1.21 -10.77 -2.86
CA ASN A 100 -1.56 -9.50 -3.46
C ASN A 100 -2.12 -9.70 -4.88
N THR A 101 -1.40 -10.44 -5.73
CA THR A 101 -1.86 -10.65 -7.10
C THR A 101 -3.14 -11.50 -7.11
N ALA A 102 -3.23 -12.48 -6.20
CA ALA A 102 -4.38 -13.36 -6.14
C ALA A 102 -5.62 -12.57 -5.73
N MET A 103 -5.46 -11.66 -4.77
CA MET A 103 -6.60 -10.87 -4.29
C MET A 103 -7.00 -9.83 -5.33
N GLN A 104 -5.99 -9.13 -5.88
CA GLN A 104 -6.20 -8.10 -6.88
C GLN A 104 -6.92 -8.68 -8.10
N ASN A 105 -6.52 -9.89 -8.54
CA ASN A 105 -7.06 -10.49 -9.75
C ASN A 105 -8.13 -11.55 -9.44
N SER A 106 -8.52 -11.68 -8.16
CA SER A 106 -9.60 -12.57 -7.74
C SER A 106 -9.42 -13.99 -8.31
N VAL A 107 -8.24 -14.53 -8.07
CA VAL A 107 -7.78 -15.76 -8.70
C VAL A 107 -8.34 -16.94 -7.91
N ASN A 108 -9.38 -17.57 -8.46
CA ASN A 108 -10.14 -18.58 -7.73
C ASN A 108 -9.24 -19.71 -7.23
N TRP A 109 -8.36 -20.22 -8.09
CA TRP A 109 -7.63 -21.43 -7.76
C TRP A 109 -6.71 -21.22 -6.56
N TYR A 110 -6.19 -20.01 -6.39
CA TYR A 110 -5.32 -19.71 -5.26
C TYR A 110 -6.07 -19.90 -3.93
N PHE A 111 -7.31 -19.37 -3.88
CA PHE A 111 -8.11 -19.39 -2.67
C PHE A 111 -8.69 -20.78 -2.43
N GLU A 112 -9.04 -21.49 -3.51
CA GLU A 112 -9.48 -22.88 -3.42
C GLU A 112 -8.38 -23.76 -2.80
N ARG A 113 -7.13 -23.56 -3.24
CA ARG A 113 -6.02 -24.35 -2.72
C ARG A 113 -5.84 -24.08 -1.23
N ILE A 114 -6.08 -22.84 -0.79
CA ILE A 114 -6.01 -22.51 0.63
C ILE A 114 -7.12 -23.24 1.37
N SER A 115 -8.34 -23.16 0.83
CA SER A 115 -9.52 -23.74 1.44
C SER A 115 -9.34 -25.25 1.63
N ASP A 116 -8.70 -25.91 0.64
CA ASP A 116 -8.43 -27.35 0.64
C ASP A 116 -7.55 -27.76 1.83
N GLN A 117 -6.69 -26.85 2.30
CA GLN A 117 -5.79 -27.14 3.40
C GLN A 117 -6.34 -26.71 4.76
N ILE A 118 -7.62 -26.28 4.82
CA ILE A 118 -8.21 -25.81 6.07
C ILE A 118 -9.24 -26.83 6.53
N PRO A 119 -9.06 -27.42 7.73
CA PRO A 119 -9.99 -28.43 8.25
C PRO A 119 -11.33 -27.78 8.57
N LYS A 120 -12.42 -28.47 8.20
CA LYS A 120 -13.76 -27.95 8.34
C LYS A 120 -14.03 -27.47 9.77
N ASN A 121 -13.49 -28.19 10.78
CA ASN A 121 -13.73 -27.86 12.17
C ASN A 121 -13.12 -26.50 12.54
N TYR A 122 -11.98 -26.15 11.93
CA TYR A 122 -11.42 -24.83 12.16
C TYR A 122 -12.36 -23.76 11.59
N THR A 123 -12.81 -23.96 10.34
CA THR A 123 -13.68 -23.02 9.65
C THR A 123 -14.95 -22.78 10.48
N ALA A 124 -15.52 -23.83 11.06
CA ALA A 124 -16.77 -23.74 11.81
C ALA A 124 -16.56 -22.96 13.11
N THR A 125 -15.40 -23.14 13.74
CA THR A 125 -15.02 -22.36 14.91
C THR A 125 -14.89 -20.87 14.55
N GLN A 126 -14.21 -20.59 13.44
CA GLN A 126 -13.98 -19.22 13.00
C GLN A 126 -15.29 -18.53 12.67
N LEU A 127 -16.16 -19.17 11.86
CA LEU A 127 -17.40 -18.51 11.45
C LEU A 127 -18.28 -18.23 12.67
N LYS A 128 -18.19 -19.09 13.69
CA LYS A 128 -18.99 -18.94 14.89
C LYS A 128 -18.50 -17.73 15.69
N GLN A 129 -17.18 -17.66 15.93
CA GLN A 129 -16.56 -16.57 16.67
C GLN A 129 -16.75 -15.25 15.93
N LEU A 130 -16.74 -15.26 14.58
CA LEU A 130 -16.82 -14.05 13.77
C LEU A 130 -18.29 -13.63 13.63
N ASN A 131 -19.21 -14.55 13.88
CA ASN A 131 -20.63 -14.30 13.66
C ASN A 131 -20.91 -14.13 12.17
N TYR A 132 -20.32 -15.01 11.34
CA TYR A 132 -20.39 -14.84 9.92
C TYR A 132 -21.67 -15.44 9.38
N GLY A 133 -22.69 -14.58 9.24
CA GLY A 133 -23.90 -14.90 8.51
C GLY A 133 -24.58 -16.16 9.02
N ASN A 134 -24.96 -17.06 8.11
CA ASN A 134 -25.65 -18.29 8.49
C ASN A 134 -24.65 -19.37 8.91
N LYS A 135 -23.33 -19.15 8.75
CA LYS A 135 -22.32 -20.12 9.16
C LYS A 135 -22.56 -21.50 8.53
N ASN A 136 -23.17 -21.55 7.36
CA ASN A 136 -23.54 -22.83 6.74
C ASN A 136 -22.51 -23.25 5.70
N LEU A 137 -21.68 -24.25 6.08
CA LEU A 137 -20.59 -24.76 5.25
C LEU A 137 -21.05 -25.78 4.22
N GLY A 138 -22.30 -26.26 4.34
CA GLY A 138 -22.85 -27.23 3.39
C GLY A 138 -21.91 -28.41 3.13
N SER A 139 -21.59 -28.60 1.83
CA SER A 139 -20.74 -29.68 1.33
C SER A 139 -19.26 -29.41 1.58
N TYR A 140 -18.93 -28.18 1.99
CA TYR A 140 -17.54 -27.76 2.19
C TYR A 140 -16.72 -27.92 0.90
N LYS A 141 -17.30 -27.54 -0.24
CA LYS A 141 -16.61 -27.38 -1.50
C LYS A 141 -17.08 -26.10 -2.19
N SER A 142 -16.20 -25.11 -2.29
CA SER A 142 -16.55 -23.77 -2.78
C SER A 142 -17.90 -23.31 -2.21
N TYR A 143 -18.07 -23.51 -0.89
CA TYR A 143 -19.29 -23.21 -0.16
C TYR A 143 -19.60 -21.70 -0.16
N TRP A 144 -18.60 -20.86 -0.49
CA TRP A 144 -18.76 -19.41 -0.50
C TRP A 144 -19.23 -18.89 -1.85
N MET A 145 -19.29 -19.78 -2.87
CA MET A 145 -19.58 -19.36 -4.23
C MET A 145 -20.97 -19.87 -4.64
N GLU A 146 -21.98 -19.00 -4.47
CA GLU A 146 -23.38 -19.28 -4.77
C GLU A 146 -23.80 -20.65 -4.23
N ASP A 147 -23.47 -20.94 -2.96
CA ASP A 147 -23.68 -22.25 -2.35
C ASP A 147 -24.32 -22.07 -0.97
N SER A 148 -23.85 -22.81 0.04
CA SER A 148 -24.55 -22.88 1.34
C SER A 148 -24.37 -21.61 2.18
N LEU A 149 -23.16 -21.01 2.16
CA LEU A 149 -22.86 -19.88 3.04
C LEU A 149 -23.54 -18.59 2.53
N LYS A 150 -24.18 -17.88 3.46
CA LYS A 150 -24.85 -16.62 3.16
C LYS A 150 -24.58 -15.61 4.27
N ILE A 151 -24.57 -14.32 3.88
CA ILE A 151 -24.32 -13.22 4.80
C ILE A 151 -25.05 -11.99 4.26
N SER A 152 -25.54 -11.14 5.17
CA SER A 152 -26.28 -9.95 4.78
C SER A 152 -25.31 -8.79 4.61
N ASN A 153 -25.78 -7.74 3.96
CA ASN A 153 -24.96 -6.55 3.72
C ASN A 153 -24.58 -5.89 5.04
N LEU A 154 -25.55 -5.78 5.94
CA LEU A 154 -25.32 -5.22 7.28
C LEU A 154 -24.27 -6.04 8.01
N GLU A 155 -24.38 -7.37 7.95
CA GLU A 155 -23.39 -8.24 8.60
C GLU A 155 -22.01 -8.15 7.96
N GLN A 156 -21.92 -7.89 6.64
CA GLN A 156 -20.62 -7.80 5.99
C GLN A 156 -19.83 -6.69 6.70
N VAL A 157 -20.47 -5.55 6.98
CA VAL A 157 -19.77 -4.44 7.63
C VAL A 157 -19.43 -4.77 9.08
N ILE A 158 -20.41 -5.27 9.85
CA ILE A 158 -20.20 -5.56 11.25
C ILE A 158 -19.08 -6.57 11.40
N VAL A 159 -19.16 -7.68 10.67
CA VAL A 159 -18.22 -8.79 10.84
C VAL A 159 -16.80 -8.35 10.46
N PHE A 160 -16.67 -7.56 9.38
CA PHE A 160 -15.33 -7.17 8.94
C PHE A 160 -14.71 -6.18 9.92
N LYS A 161 -15.51 -5.19 10.35
CA LYS A 161 -15.05 -4.19 11.31
C LYS A 161 -14.61 -4.89 12.59
N ASN A 162 -15.43 -5.84 13.12
CA ASN A 162 -15.08 -6.53 14.36
C ASN A 162 -13.83 -7.38 14.21
N MET A 163 -13.69 -8.08 13.09
CA MET A 163 -12.50 -8.91 12.87
C MET A 163 -11.24 -8.06 12.87
N MET A 164 -11.28 -6.94 12.15
CA MET A 164 -10.09 -6.11 11.97
C MET A 164 -9.84 -5.26 13.22
N GLU A 165 -10.88 -4.74 13.89
CA GLU A 165 -10.68 -3.69 14.90
C GLU A 165 -10.72 -4.22 16.33
N GLN A 166 -11.24 -5.43 16.55
CA GLN A 166 -11.24 -5.97 17.90
C GLN A 166 -9.97 -6.78 18.17
N ASN A 167 -9.57 -6.83 19.45
CA ASN A 167 -8.47 -7.68 19.88
C ASN A 167 -8.98 -9.11 19.96
N ASN A 168 -8.58 -9.92 18.98
CA ASN A 168 -9.06 -11.28 18.87
C ASN A 168 -7.83 -12.16 18.64
N HIS A 169 -8.03 -13.39 18.16
CA HIS A 169 -6.93 -14.32 18.06
C HIS A 169 -6.12 -14.12 16.78
N PHE A 170 -6.58 -13.24 15.87
CA PHE A 170 -5.82 -12.94 14.66
C PHE A 170 -4.72 -11.92 14.98
N SER A 171 -3.51 -12.17 14.47
CA SER A 171 -2.36 -11.31 14.76
C SER A 171 -2.46 -10.03 13.95
N LYS A 172 -1.80 -8.99 14.47
CA LYS A 172 -1.70 -7.69 13.83
C LYS A 172 -1.05 -7.84 12.46
N LYS A 173 -0.05 -8.71 12.38
CA LYS A 173 0.75 -8.92 11.19
C LYS A 173 -0.11 -9.53 10.07
N ALA A 174 -0.98 -10.47 10.42
CA ALA A 174 -1.95 -11.04 9.48
C ALA A 174 -2.92 -9.95 8.98
N LYS A 175 -3.41 -9.08 9.87
CA LYS A 175 -4.36 -8.05 9.48
C LYS A 175 -3.73 -7.05 8.50
N ASN A 176 -2.45 -6.75 8.75
CA ASN A 176 -1.63 -5.87 7.94
C ASN A 176 -1.39 -6.44 6.54
N GLN A 177 -1.04 -7.73 6.46
N GLN A 177 -1.03 -7.72 6.47
CA GLN A 177 -0.83 -8.37 5.18
CA GLN A 177 -0.84 -8.40 5.20
C GLN A 177 -2.17 -8.45 4.44
C GLN A 177 -2.17 -8.44 4.44
N LEU A 178 -3.27 -8.79 5.11
CA LEU A 178 -4.58 -8.78 4.47
C LEU A 178 -4.89 -7.40 3.89
N SER A 179 -4.70 -6.37 4.73
N SER A 179 -4.68 -6.38 4.73
CA SER A 179 -4.94 -4.99 4.36
CA SER A 179 -4.94 -5.01 4.37
C SER A 179 -4.18 -4.61 3.09
C SER A 179 -4.18 -4.61 3.10
N SER A 180 -2.89 -4.95 3.04
CA SER A 180 -2.04 -4.66 1.89
C SER A 180 -2.60 -5.29 0.63
N SER A 181 -3.07 -6.54 0.72
CA SER A 181 -3.66 -7.20 -0.44
C SER A 181 -4.94 -6.51 -0.92
N LEU A 182 -5.62 -5.73 -0.05
CA LEU A 182 -6.92 -5.16 -0.36
C LEU A 182 -6.81 -3.71 -0.81
N LEU A 183 -5.60 -3.14 -0.81
CA LEU A 183 -5.50 -1.70 -1.09
C LEU A 183 -5.84 -1.44 -2.57
N ILE A 184 -6.75 -0.51 -2.84
CA ILE A 184 -7.15 -0.21 -4.21
C ILE A 184 -6.65 1.16 -4.64
N LYS A 185 -6.80 2.17 -3.76
CA LYS A 185 -6.54 3.57 -4.11
C LYS A 185 -5.90 4.25 -2.91
N LYS A 186 -4.89 5.08 -3.19
CA LYS A 186 -4.27 5.90 -2.16
C LYS A 186 -3.92 7.24 -2.76
N ASN A 187 -4.31 8.30 -2.05
CA ASN A 187 -3.86 9.64 -2.38
C ASN A 187 -3.63 10.37 -1.05
N GLU A 188 -3.50 11.70 -1.13
CA GLU A 188 -3.18 12.54 0.01
C GLU A 188 -4.32 12.55 1.03
N LYS A 189 -5.56 12.32 0.56
CA LYS A 189 -6.76 12.41 1.38
C LYS A 189 -7.18 11.06 1.98
N TYR A 190 -6.95 9.94 1.26
CA TYR A 190 -7.54 8.68 1.71
C TYR A 190 -6.77 7.45 1.20
N GLU A 191 -7.06 6.32 1.89
CA GLU A 191 -6.75 4.99 1.40
C GLU A 191 -8.05 4.20 1.32
N LEU A 192 -8.30 3.59 0.16
N LEU A 192 -8.30 3.60 0.15
CA LEU A 192 -9.50 2.82 -0.12
CA LEU A 192 -9.50 2.82 -0.12
C LEU A 192 -9.09 1.37 -0.31
C LEU A 192 -9.07 1.36 -0.31
N TYR A 193 -9.66 0.50 0.53
CA TYR A 193 -9.44 -0.93 0.49
C TYR A 193 -10.74 -1.64 0.15
N GLY A 194 -10.67 -2.78 -0.55
CA GLY A 194 -11.93 -3.50 -0.73
C GLY A 194 -11.81 -4.69 -1.66
N LYS A 195 -12.93 -5.42 -1.78
CA LYS A 195 -13.01 -6.63 -2.59
C LYS A 195 -14.40 -6.74 -3.21
N THR A 196 -14.44 -6.95 -4.53
CA THR A 196 -15.65 -7.28 -5.26
C THR A 196 -16.03 -8.75 -5.11
N GLY A 197 -17.32 -9.00 -5.34
CA GLY A 197 -17.84 -10.32 -5.58
C GLY A 197 -18.98 -10.26 -6.57
N THR A 198 -19.07 -11.30 -7.41
CA THR A 198 -20.05 -11.37 -8.48
C THR A 198 -20.61 -12.79 -8.54
N GLY A 199 -21.90 -12.95 -8.41
CA GLY A 199 -22.51 -14.25 -8.66
C GLY A 199 -23.13 -14.30 -10.05
N ILE A 200 -22.94 -15.43 -10.76
CA ILE A 200 -23.61 -15.66 -12.03
C ILE A 200 -24.46 -16.93 -11.96
N VAL A 201 -25.72 -16.83 -12.37
CA VAL A 201 -26.63 -17.97 -12.45
C VAL A 201 -27.23 -18.00 -13.85
N ASN A 202 -26.95 -19.09 -14.60
CA ASN A 202 -27.43 -19.30 -15.96
C ASN A 202 -27.09 -18.09 -16.83
N GLY A 203 -25.81 -17.69 -16.79
CA GLY A 203 -25.25 -16.70 -17.68
C GLY A 203 -25.69 -15.27 -17.37
N LYS A 204 -26.45 -15.05 -16.30
CA LYS A 204 -26.86 -13.71 -15.89
C LYS A 204 -26.26 -13.35 -14.53
N TYR A 205 -25.84 -12.10 -14.37
CA TYR A 205 -25.50 -11.53 -13.07
C TYR A 205 -26.69 -11.61 -12.12
N ASN A 206 -26.42 -12.08 -10.90
CA ASN A 206 -27.45 -12.40 -9.91
C ASN A 206 -27.15 -11.80 -8.53
N ASN A 207 -25.92 -11.29 -8.31
CA ASN A 207 -25.42 -11.08 -6.96
C ASN A 207 -24.13 -10.28 -7.05
N GLY A 208 -24.17 -9.00 -6.67
CA GLY A 208 -23.02 -8.12 -6.77
C GLY A 208 -22.65 -7.51 -5.41
N TRP A 209 -21.34 -7.47 -5.11
CA TRP A 209 -20.85 -6.97 -3.83
C TRP A 209 -19.64 -6.09 -4.04
N PHE A 210 -19.47 -5.15 -3.11
CA PHE A 210 -18.17 -4.52 -2.88
C PHE A 210 -18.09 -4.20 -1.40
N VAL A 211 -17.12 -4.82 -0.73
CA VAL A 211 -16.94 -4.74 0.70
C VAL A 211 -15.58 -4.10 0.95
N GLY A 212 -15.49 -3.14 1.89
CA GLY A 212 -14.16 -2.61 2.13
C GLY A 212 -14.15 -1.60 3.25
N TYR A 213 -13.13 -0.75 3.21
CA TYR A 213 -13.01 0.31 4.18
C TYR A 213 -12.12 1.43 3.62
N VAL A 214 -12.26 2.60 4.23
CA VAL A 214 -11.56 3.82 3.83
C VAL A 214 -10.92 4.43 5.07
N ILE A 215 -9.61 4.72 5.01
CA ILE A 215 -8.92 5.49 6.04
C ILE A 215 -8.72 6.91 5.52
N THR A 216 -9.24 7.91 6.26
CA THR A 216 -8.93 9.31 5.97
C THR A 216 -8.02 9.85 7.07
N ASN A 217 -7.73 11.17 7.01
CA ASN A 217 -6.99 11.85 8.05
C ASN A 217 -7.83 11.90 9.34
N HIS A 218 -9.16 11.85 9.22
CA HIS A 218 -10.05 12.16 10.32
C HIS A 218 -10.80 10.95 10.86
N ASP A 219 -10.92 9.85 10.07
CA ASP A 219 -11.78 8.75 10.49
C ASP A 219 -11.44 7.49 9.68
N LYS A 220 -12.11 6.40 10.05
CA LYS A 220 -12.01 5.13 9.34
C LYS A 220 -13.42 4.59 9.17
N TYR A 221 -13.79 4.24 7.93
CA TYR A 221 -15.13 3.82 7.61
C TYR A 221 -15.10 2.42 7.00
N TYR A 222 -15.92 1.50 7.51
CA TYR A 222 -16.17 0.20 6.89
C TYR A 222 -17.47 0.30 6.10
N PHE A 223 -17.55 -0.34 4.95
CA PHE A 223 -18.74 -0.18 4.11
C PHE A 223 -18.93 -1.42 3.24
N ALA A 224 -20.14 -1.56 2.72
CA ALA A 224 -20.46 -2.59 1.75
C ALA A 224 -21.68 -2.17 0.98
N THR A 225 -21.64 -2.48 -0.30
CA THR A 225 -22.76 -2.36 -1.21
C THR A 225 -23.10 -3.77 -1.68
N HIS A 226 -24.42 -4.08 -1.71
CA HIS A 226 -24.93 -5.30 -2.28
C HIS A 226 -25.96 -4.93 -3.34
N LEU A 227 -25.91 -5.63 -4.49
CA LEU A 227 -26.87 -5.48 -5.57
C LEU A 227 -27.56 -6.82 -5.77
N SER A 228 -28.89 -6.80 -5.76
CA SER A 228 -29.72 -8.00 -5.91
C SER A 228 -30.41 -8.05 -7.27
N ASP A 229 -30.48 -6.93 -7.99
CA ASP A 229 -31.20 -6.90 -9.24
C ASP A 229 -30.73 -5.70 -10.07
N GLY A 230 -31.07 -5.72 -11.37
CA GLY A 230 -30.65 -4.73 -12.34
C GLY A 230 -29.47 -5.26 -13.16
N LYS A 231 -28.28 -4.68 -12.96
CA LYS A 231 -27.05 -5.32 -13.36
C LYS A 231 -26.26 -5.61 -12.10
N PRO A 232 -26.59 -6.69 -11.35
CA PRO A 232 -25.95 -6.94 -10.05
C PRO A 232 -24.58 -7.63 -10.14
N SER A 233 -23.56 -6.86 -10.53
CA SER A 233 -22.18 -7.32 -10.62
C SER A 233 -21.34 -6.61 -9.56
N GLY A 234 -20.17 -7.20 -9.25
CA GLY A 234 -19.23 -6.65 -8.31
C GLY A 234 -18.69 -5.29 -8.78
N LYS A 235 -18.37 -5.19 -10.07
CA LYS A 235 -17.90 -3.94 -10.66
C LYS A 235 -18.93 -2.82 -10.49
N ASN A 236 -20.22 -3.14 -10.69
CA ASN A 236 -21.27 -2.16 -10.50
C ASN A 236 -21.41 -1.77 -9.02
N ALA A 237 -21.24 -2.75 -8.12
CA ALA A 237 -21.34 -2.49 -6.69
C ALA A 237 -20.21 -1.56 -6.27
N GLU A 238 -19.05 -1.71 -6.92
CA GLU A 238 -17.90 -0.86 -6.66
C GLU A 238 -18.17 0.58 -7.11
N LEU A 239 -18.66 0.74 -8.34
CA LEU A 239 -18.93 2.08 -8.89
C LEU A 239 -19.94 2.82 -8.01
N ILE A 240 -21.00 2.13 -7.63
CA ILE A 240 -22.02 2.72 -6.77
C ILE A 240 -21.42 3.11 -5.42
N SER A 241 -20.59 2.23 -4.86
CA SER A 241 -19.95 2.51 -3.59
C SER A 241 -19.13 3.80 -3.66
N GLU A 242 -18.31 3.93 -4.70
CA GLU A 242 -17.45 5.08 -4.94
C GLU A 242 -18.28 6.36 -5.09
N LYS A 243 -19.38 6.32 -5.85
CA LYS A 243 -20.29 7.46 -5.96
C LYS A 243 -20.82 7.89 -4.59
N ILE A 244 -21.23 6.92 -3.77
CA ILE A 244 -21.88 7.26 -2.50
C ILE A 244 -20.85 7.85 -1.53
N LEU A 245 -19.66 7.24 -1.46
CA LEU A 245 -18.61 7.70 -0.56
C LEU A 245 -18.11 9.08 -0.98
N LYS A 246 -18.01 9.35 -2.29
CA LYS A 246 -17.56 10.64 -2.76
C LYS A 246 -18.56 11.71 -2.30
N GLU A 247 -19.84 11.45 -2.58
CA GLU A 247 -20.95 12.33 -2.22
C GLU A 247 -20.95 12.67 -0.73
N MET A 248 -20.54 11.72 0.12
CA MET A 248 -20.64 11.89 1.55
C MET A 248 -19.41 12.60 2.09
N GLY A 249 -18.43 12.87 1.21
CA GLY A 249 -17.23 13.59 1.63
C GLY A 249 -16.11 12.67 2.09
N VAL A 250 -16.30 11.35 1.95
CA VAL A 250 -15.37 10.36 2.51
C VAL A 250 -14.11 10.29 1.64
N LEU A 251 -14.30 10.45 0.33
CA LEU A 251 -13.26 10.47 -0.68
C LEU A 251 -13.08 11.90 -1.15
N ASN A 252 -11.84 12.41 -1.17
CA ASN A 252 -11.54 13.62 -1.92
C ASN A 252 -10.39 13.36 -2.90
N GLY A 253 -10.32 14.18 -3.95
CA GLY A 253 -9.25 14.12 -4.93
C GLY A 253 -9.48 12.99 -5.91
N SER B 2 40.23 14.75 -2.75
CA SER B 2 38.75 14.73 -2.80
C SER B 2 38.25 15.64 -3.92
N ILE B 3 38.89 15.53 -5.09
CA ILE B 3 38.54 16.29 -6.29
C ILE B 3 37.41 15.59 -7.03
N THR B 4 37.51 14.27 -7.15
CA THR B 4 36.44 13.44 -7.69
C THR B 4 35.82 12.63 -6.54
N ASP B 5 35.92 13.15 -5.31
CA ASP B 5 35.09 12.76 -4.20
C ASP B 5 33.80 13.57 -4.23
N TYR B 6 33.85 14.76 -4.89
CA TYR B 6 32.65 15.58 -5.08
C TYR B 6 31.85 15.16 -6.30
N ASN B 7 32.41 14.28 -7.14
CA ASN B 7 31.81 13.99 -8.43
C ASN B 7 31.81 12.50 -8.69
N TYR B 8 30.70 12.05 -9.24
CA TYR B 8 30.55 10.72 -9.78
C TYR B 8 30.96 10.75 -11.26
N LYS B 9 32.06 10.07 -11.60
CA LYS B 9 32.71 10.19 -12.90
C LYS B 9 32.34 9.04 -13.82
N LYS B 10 32.01 7.88 -13.24
CA LYS B 10 31.91 6.64 -13.99
C LYS B 10 30.97 6.80 -15.20
N PRO B 11 31.39 6.39 -16.42
CA PRO B 11 30.57 6.57 -17.61
C PRO B 11 29.41 5.58 -17.63
N LEU B 12 28.32 6.01 -18.27
CA LEU B 12 27.17 5.15 -18.51
C LEU B 12 27.43 4.31 -19.76
N HIS B 13 27.48 3.00 -19.57
CA HIS B 13 27.51 2.03 -20.67
C HIS B 13 26.09 1.55 -20.96
N ASN B 14 25.19 2.51 -21.19
CA ASN B 14 23.76 2.32 -21.31
C ASN B 14 23.22 3.29 -22.36
N ASP B 15 22.07 2.94 -22.97
CA ASP B 15 21.28 3.91 -23.70
C ASP B 15 20.88 5.02 -22.73
N TYR B 16 21.10 6.27 -23.15
CA TYR B 16 20.56 7.39 -22.41
C TYR B 16 20.08 8.46 -23.37
N GLN B 17 19.13 9.22 -22.87
CA GLN B 17 18.55 10.33 -23.56
C GLN B 17 18.77 11.55 -22.67
N ILE B 18 19.29 12.63 -23.25
CA ILE B 18 19.33 13.91 -22.56
C ILE B 18 17.96 14.56 -22.73
N LEU B 19 17.47 15.21 -21.66
CA LEU B 19 16.14 15.83 -21.64
C LEU B 19 16.32 17.33 -21.48
N ASP B 20 15.30 18.10 -21.88
CA ASP B 20 15.25 19.51 -21.51
C ASP B 20 14.00 19.78 -20.69
N LYS B 21 14.19 19.97 -19.38
CA LYS B 21 13.09 20.16 -18.46
C LYS B 21 13.26 21.52 -17.75
N SER B 22 14.02 22.41 -18.39
CA SER B 22 14.34 23.72 -17.84
C SER B 22 13.06 24.53 -17.61
N LYS B 23 12.06 24.29 -18.46
CA LYS B 23 10.75 24.91 -18.34
C LYS B 23 10.17 24.63 -16.95
N ILE B 24 10.11 23.33 -16.60
CA ILE B 24 9.48 22.89 -15.35
C ILE B 24 10.31 23.35 -14.15
N PHE B 25 11.64 23.38 -14.26
CA PHE B 25 12.48 23.76 -13.13
C PHE B 25 12.33 25.24 -12.82
N GLY B 26 12.03 26.05 -13.84
CA GLY B 26 11.81 27.48 -13.64
C GLY B 26 13.07 28.15 -13.10
N SER B 27 12.95 28.81 -11.94
CA SER B 27 14.09 29.52 -11.37
C SER B 27 14.90 28.63 -10.42
N ASN B 28 14.49 27.37 -10.25
CA ASN B 28 15.27 26.41 -9.48
C ASN B 28 16.34 25.80 -10.36
N SER B 29 17.52 25.56 -9.79
CA SER B 29 18.58 24.83 -10.46
C SER B 29 18.64 23.41 -9.89
N GLY B 30 18.90 22.44 -10.77
CA GLY B 30 19.17 21.08 -10.33
C GLY B 30 19.14 20.09 -11.48
N SER B 31 18.77 18.83 -11.16
CA SER B 31 18.78 17.79 -12.16
C SER B 31 17.64 16.81 -11.94
N PHE B 32 17.39 16.01 -12.97
CA PHE B 32 16.40 14.95 -12.91
C PHE B 32 17.04 13.75 -13.59
N VAL B 33 16.93 12.59 -12.95
CA VAL B 33 17.42 11.34 -13.51
C VAL B 33 16.30 10.31 -13.43
N MET B 34 16.12 9.53 -14.50
CA MET B 34 15.17 8.43 -14.48
C MET B 34 15.75 7.21 -15.18
N TYR B 35 15.39 6.04 -14.67
CA TYR B 35 15.81 4.78 -15.26
C TYR B 35 14.58 3.92 -15.51
N SER B 36 14.47 3.37 -16.73
CA SER B 36 13.42 2.44 -17.12
C SER B 36 13.95 1.01 -17.07
N MET B 37 13.26 0.14 -16.31
CA MET B 37 13.67 -1.25 -16.18
C MET B 37 13.53 -1.98 -17.53
N ALA B 38 12.43 -1.69 -18.25
CA ALA B 38 12.11 -2.36 -19.51
C ALA B 38 13.13 -1.96 -20.59
N ALA B 39 13.44 -0.66 -20.71
CA ALA B 39 14.38 -0.15 -21.69
C ALA B 39 15.83 -0.31 -21.25
N ASP B 40 16.06 -0.55 -19.95
CA ASP B 40 17.41 -0.52 -19.37
C ASP B 40 18.14 0.76 -19.78
N ALA B 41 17.43 1.89 -19.75
CA ALA B 41 17.93 3.16 -20.25
C ALA B 41 17.70 4.29 -19.24
N TYR B 42 18.59 5.30 -19.31
CA TYR B 42 18.58 6.45 -18.43
C TYR B 42 18.05 7.66 -19.20
N TYR B 43 17.33 8.53 -18.50
CA TYR B 43 16.91 9.83 -19.02
C TYR B 43 17.42 10.90 -18.06
N ILE B 44 18.21 11.86 -18.57
CA ILE B 44 18.87 12.82 -17.70
C ILE B 44 18.62 14.27 -18.12
N TYR B 45 18.16 15.11 -17.18
CA TYR B 45 18.20 16.56 -17.33
C TYR B 45 19.36 17.13 -16.51
N ASN B 46 20.28 17.84 -17.18
CA ASN B 46 21.42 18.51 -16.55
C ASN B 46 22.38 17.47 -15.97
N GLU B 47 23.07 16.79 -16.90
CA GLU B 47 23.93 15.65 -16.58
C GLU B 47 25.09 16.08 -15.69
N LYS B 48 25.50 17.35 -15.84
CA LYS B 48 26.61 17.91 -15.07
C LYS B 48 26.22 18.01 -13.59
N GLU B 49 25.10 18.71 -13.29
CA GLU B 49 24.57 18.78 -11.93
C GLU B 49 24.30 17.37 -11.39
N SER B 50 23.79 16.47 -12.25
CA SER B 50 23.36 15.14 -11.85
C SER B 50 24.52 14.30 -11.32
N ARG B 51 25.76 14.69 -11.62
CA ARG B 51 26.92 13.91 -11.19
C ARG B 51 27.61 14.58 -10.00
N LYS B 52 27.16 15.75 -9.57
CA LYS B 52 27.72 16.37 -8.38
C LYS B 52 27.10 15.71 -7.13
N ARG B 53 27.95 15.46 -6.14
CA ARG B 53 27.56 14.78 -4.92
C ARG B 53 27.14 15.79 -3.84
N TYR B 54 25.95 15.55 -3.26
CA TYR B 54 25.43 16.36 -2.17
C TYR B 54 24.99 15.45 -1.02
N SER B 55 24.74 16.06 0.15
CA SER B 55 24.24 15.34 1.29
C SER B 55 22.88 14.75 0.95
N PRO B 56 22.62 13.46 1.22
CA PRO B 56 21.31 12.85 0.93
C PRO B 56 20.16 13.31 1.85
N ASN B 57 20.52 13.91 3.01
CA ASN B 57 19.56 14.30 4.03
C ASN B 57 18.62 13.12 4.31
N SER B 58 17.31 13.41 4.43
CA SER B 58 16.31 12.40 4.80
C SER B 58 16.15 11.29 3.76
N THR B 59 16.63 11.47 2.51
CA THR B 59 16.55 10.38 1.55
C THR B 59 17.31 9.17 2.08
N TYR B 60 18.29 9.41 2.96
CA TYR B 60 19.07 8.30 3.51
C TYR B 60 18.24 7.47 4.47
N LYS B 61 17.06 7.96 4.88
CA LYS B 61 16.21 7.16 5.77
C LYS B 61 15.72 5.88 5.09
N ILE B 62 15.70 5.85 3.76
CA ILE B 62 15.47 4.64 2.98
C ILE B 62 16.45 3.55 3.42
N TYR B 63 17.74 3.92 3.51
CA TYR B 63 18.80 2.96 3.77
C TYR B 63 18.86 2.61 5.25
N LEU B 64 18.60 3.60 6.13
CA LEU B 64 18.51 3.33 7.57
C LEU B 64 17.36 2.37 7.88
N ALA B 65 16.22 2.55 7.16
CA ALA B 65 15.10 1.60 7.25
C ALA B 65 15.54 0.20 6.84
N MET B 66 16.20 0.08 5.67
CA MET B 66 16.64 -1.21 5.17
C MET B 66 17.64 -1.88 6.13
N PHE B 67 18.58 -1.12 6.69
CA PHE B 67 19.59 -1.68 7.58
C PHE B 67 18.94 -2.15 8.88
N GLY B 68 18.02 -1.33 9.44
CA GLY B 68 17.26 -1.69 10.62
C GLY B 68 16.49 -3.00 10.46
N LEU B 69 15.86 -3.20 9.29
CA LEU B 69 15.11 -4.40 9.00
C LEU B 69 16.04 -5.60 8.92
N ASP B 70 17.15 -5.42 8.19
CA ASP B 70 18.15 -6.45 7.94
C ASP B 70 18.81 -6.93 9.24
N ARG B 71 19.02 -6.02 10.21
CA ARG B 71 19.64 -6.35 11.49
C ARG B 71 18.60 -6.65 12.55
N HIS B 72 17.31 -6.59 12.19
CA HIS B 72 16.22 -6.99 13.06
C HIS B 72 16.03 -6.01 14.22
N ILE B 73 16.55 -4.78 14.06
CA ILE B 73 16.24 -3.70 14.99
C ILE B 73 14.74 -3.40 14.95
N ILE B 74 14.14 -3.50 13.75
CA ILE B 74 12.69 -3.49 13.57
C ILE B 74 12.31 -4.69 12.70
N ASN B 75 11.02 -5.02 12.63
CA ASN B 75 10.57 -6.10 11.74
C ASN B 75 9.08 -5.91 11.39
N ASP B 76 8.50 -6.92 10.73
CA ASP B 76 7.13 -6.85 10.23
C ASP B 76 6.11 -7.16 11.33
N GLU B 77 6.57 -7.76 12.44
CA GLU B 77 5.71 -7.98 13.60
C GLU B 77 5.66 -6.71 14.43
N ASN B 78 6.81 -6.03 14.57
CA ASN B 78 6.90 -4.86 15.43
C ASN B 78 7.98 -3.91 14.92
N SER B 79 7.55 -2.74 14.42
CA SER B 79 8.47 -1.66 14.07
C SER B 79 8.17 -0.40 14.90
N ARG B 80 7.38 -0.57 15.99
CA ARG B 80 6.92 0.54 16.81
C ARG B 80 8.05 1.04 17.73
N MET B 81 8.12 2.36 17.87
CA MET B 81 9.06 3.00 18.80
C MET B 81 8.31 4.12 19.53
N SER B 82 8.43 4.14 20.86
CA SER B 82 7.72 5.12 21.67
C SER B 82 8.47 6.46 21.66
N TRP B 83 7.68 7.53 21.67
CA TRP B 83 8.11 8.90 21.88
C TRP B 83 9.01 9.02 23.11
N ASN B 84 10.02 9.90 23.06
CA ASN B 84 10.89 10.13 24.20
C ASN B 84 10.42 11.35 25.01
N HIS B 85 9.16 11.75 24.82
CA HIS B 85 8.53 12.81 25.59
C HIS B 85 9.33 14.11 25.43
N LYS B 86 9.82 14.32 24.20
CA LYS B 86 10.49 15.55 23.80
C LYS B 86 9.63 16.28 22.75
N HIS B 87 9.33 17.55 23.01
CA HIS B 87 8.40 18.32 22.19
C HIS B 87 9.09 18.83 20.91
N TYR B 88 8.64 18.30 19.77
CA TYR B 88 9.06 18.84 18.48
C TYR B 88 8.00 19.83 18.01
N PRO B 89 8.32 20.75 17.09
CA PRO B 89 7.35 21.75 16.62
C PRO B 89 6.23 21.25 15.71
N PHE B 90 6.17 19.92 15.47
CA PHE B 90 5.09 19.31 14.70
C PHE B 90 4.56 18.11 15.48
N ASP B 91 3.24 18.09 15.74
CA ASP B 91 2.64 17.11 16.63
C ASP B 91 2.67 15.70 16.02
N ALA B 92 2.83 15.58 14.70
CA ALA B 92 3.01 14.26 14.08
C ALA B 92 4.26 13.56 14.63
N TRP B 93 5.27 14.32 15.10
CA TRP B 93 6.46 13.74 15.68
C TRP B 93 6.28 13.42 17.18
N ASN B 94 5.32 14.08 17.85
CA ASN B 94 5.16 14.03 19.31
C ASN B 94 4.28 12.85 19.72
N LYS B 95 4.67 11.64 19.31
CA LYS B 95 3.89 10.44 19.59
C LYS B 95 4.68 9.20 19.17
N GLU B 96 4.11 8.03 19.43
CA GLU B 96 4.72 6.78 19.00
C GLU B 96 4.60 6.63 17.49
N GLN B 97 5.58 5.92 16.92
CA GLN B 97 5.73 5.76 15.48
C GLN B 97 5.87 4.28 15.17
N ASP B 98 5.52 3.91 13.93
CA ASP B 98 5.98 2.68 13.29
C ASP B 98 6.77 3.09 12.04
N LEU B 99 7.26 2.13 11.26
CA LEU B 99 8.08 2.46 10.10
C LEU B 99 7.30 3.38 9.16
N ASN B 100 6.01 3.06 8.91
CA ASN B 100 5.14 3.79 8.00
C ASN B 100 4.98 5.26 8.42
N THR B 101 4.59 5.51 9.68
CA THR B 101 4.37 6.88 10.14
C THR B 101 5.70 7.63 10.19
N ALA B 102 6.77 6.95 10.60
CA ALA B 102 8.09 7.56 10.70
C ALA B 102 8.59 7.97 9.32
N MET B 103 8.36 7.13 8.31
CA MET B 103 8.84 7.43 6.96
C MET B 103 7.96 8.52 6.34
N GLN B 104 6.64 8.34 6.44
CA GLN B 104 5.66 9.30 5.93
C GLN B 104 5.91 10.70 6.49
N ASN B 105 6.22 10.80 7.81
CA ASN B 105 6.35 12.09 8.48
C ASN B 105 7.83 12.47 8.68
N SER B 106 8.76 11.68 8.11
CA SER B 106 10.19 11.98 8.13
C SER B 106 10.65 12.32 9.55
N VAL B 107 10.34 11.41 10.47
CA VAL B 107 10.53 11.62 11.90
C VAL B 107 11.97 11.29 12.25
N ASN B 108 12.77 12.35 12.46
CA ASN B 108 14.20 12.20 12.63
C ASN B 108 14.55 11.23 13.76
N TRP B 109 13.89 11.37 14.91
CA TRP B 109 14.33 10.67 16.10
C TRP B 109 14.18 9.16 15.93
N TYR B 110 13.19 8.73 15.14
CA TYR B 110 13.01 7.30 14.90
C TYR B 110 14.23 6.70 14.20
N PHE B 111 14.72 7.39 13.17
CA PHE B 111 15.80 6.88 12.33
C PHE B 111 17.15 7.07 13.04
N GLU B 112 17.26 8.12 13.88
CA GLU B 112 18.43 8.30 14.74
C GLU B 112 18.56 7.13 15.72
N ARG B 113 17.44 6.72 16.32
CA ARG B 113 17.47 5.61 17.27
C ARG B 113 17.93 4.33 16.57
N ILE B 114 17.53 4.14 15.30
CA ILE B 114 17.96 2.98 14.53
C ILE B 114 19.48 3.06 14.30
N SER B 115 19.94 4.23 13.84
CA SER B 115 21.34 4.46 13.51
C SER B 115 22.24 4.21 14.73
N ASP B 116 21.77 4.60 15.92
CA ASP B 116 22.48 4.42 17.19
C ASP B 116 22.76 2.95 17.48
N GLN B 117 21.90 2.04 16.99
CA GLN B 117 22.04 0.62 17.27
C GLN B 117 22.82 -0.12 16.17
N ILE B 118 23.38 0.62 15.18
CA ILE B 118 24.05 -0.01 14.05
C ILE B 118 25.56 0.25 14.16
N PRO B 119 26.38 -0.83 14.24
CA PRO B 119 27.83 -0.68 14.34
C PRO B 119 28.40 -0.11 13.04
N LYS B 120 29.34 0.81 13.19
CA LYS B 120 29.92 1.54 12.07
C LYS B 120 30.47 0.58 11.02
N ASN B 121 31.03 -0.55 11.43
CA ASN B 121 31.65 -1.49 10.51
C ASN B 121 30.60 -2.13 9.59
N TYR B 122 29.38 -2.34 10.10
CA TYR B 122 28.31 -2.84 9.25
C TYR B 122 27.99 -1.78 8.19
N THR B 123 27.80 -0.54 8.63
CA THR B 123 27.43 0.56 7.74
C THR B 123 28.46 0.70 6.61
N ALA B 124 29.75 0.58 6.95
CA ALA B 124 30.83 0.76 5.97
C ALA B 124 30.82 -0.36 4.93
N THR B 125 30.50 -1.58 5.38
CA THR B 125 30.36 -2.73 4.48
C THR B 125 29.18 -2.50 3.52
N GLN B 126 28.05 -2.05 4.07
CA GLN B 126 26.85 -1.82 3.28
C GLN B 126 27.11 -0.73 2.24
N LEU B 127 27.65 0.44 2.64
CA LEU B 127 27.86 1.54 1.71
C LEU B 127 28.82 1.13 0.57
N LYS B 128 29.76 0.24 0.89
CA LYS B 128 30.73 -0.20 -0.10
C LYS B 128 30.05 -1.13 -1.12
N GLN B 129 29.27 -2.11 -0.63
CA GLN B 129 28.55 -3.03 -1.50
C GLN B 129 27.51 -2.29 -2.34
N LEU B 130 26.88 -1.24 -1.78
CA LEU B 130 25.81 -0.51 -2.46
C LEU B 130 26.40 0.50 -3.42
N ASN B 131 27.70 0.84 -3.22
CA ASN B 131 28.36 1.88 -3.99
C ASN B 131 27.71 3.23 -3.71
N TYR B 132 27.51 3.52 -2.43
CA TYR B 132 26.79 4.69 -2.00
C TYR B 132 27.73 5.89 -1.98
N GLY B 133 27.78 6.63 -3.10
CA GLY B 133 28.36 7.96 -3.14
C GLY B 133 29.83 7.96 -2.71
N ASN B 134 30.19 8.90 -1.82
CA ASN B 134 31.55 8.99 -1.32
C ASN B 134 31.79 8.02 -0.15
N LYS B 135 30.76 7.34 0.35
CA LYS B 135 30.89 6.37 1.43
C LYS B 135 31.59 6.98 2.67
N ASN B 136 31.42 8.29 2.89
CA ASN B 136 32.13 8.96 3.95
C ASN B 136 31.23 9.14 5.19
N LEU B 137 31.48 8.32 6.22
CA LEU B 137 30.70 8.30 7.46
C LEU B 137 31.14 9.37 8.46
N GLY B 138 32.29 10.04 8.23
CA GLY B 138 32.75 11.12 9.09
C GLY B 138 32.72 10.78 10.59
N SER B 139 31.99 11.60 11.37
CA SER B 139 31.88 11.46 12.82
C SER B 139 30.96 10.31 13.24
N TYR B 140 30.22 9.74 12.28
CA TYR B 140 29.22 8.71 12.54
C TYR B 140 28.19 9.18 13.57
N LYS B 141 27.73 10.43 13.43
CA LYS B 141 26.55 10.95 14.12
C LYS B 141 25.77 11.85 13.15
N SER B 142 24.55 11.43 12.79
CA SER B 142 23.76 12.11 11.77
C SER B 142 24.60 12.48 10.55
N TYR B 143 25.45 11.54 10.11
CA TYR B 143 26.41 11.73 9.02
C TYR B 143 25.71 11.95 7.66
N TRP B 144 24.43 11.58 7.58
CA TRP B 144 23.62 11.71 6.38
C TRP B 144 22.96 13.09 6.28
N MET B 145 23.03 13.90 7.36
CA MET B 145 22.30 15.16 7.39
C MET B 145 23.29 16.33 7.30
N GLU B 146 23.50 16.83 6.06
CA GLU B 146 24.40 17.94 5.75
C GLU B 146 25.73 17.80 6.49
N ASP B 147 26.31 16.59 6.38
CA ASP B 147 27.54 16.22 7.06
C ASP B 147 28.44 15.52 6.04
N SER B 148 29.07 14.39 6.41
CA SER B 148 30.19 13.86 5.64
C SER B 148 29.73 13.11 4.39
N LEU B 149 28.60 12.39 4.49
CA LEU B 149 28.15 11.52 3.40
C LEU B 149 27.54 12.36 2.28
N LYS B 150 27.96 12.06 1.04
CA LYS B 150 27.45 12.73 -0.15
C LYS B 150 27.19 11.69 -1.24
N ILE B 151 26.21 12.00 -2.10
CA ILE B 151 25.79 11.14 -3.20
C ILE B 151 25.24 12.03 -4.29
N SER B 152 25.45 11.64 -5.56
CA SER B 152 24.96 12.41 -6.69
C SER B 152 23.57 11.94 -7.05
N ASN B 153 22.86 12.77 -7.83
CA ASN B 153 21.51 12.47 -8.27
C ASN B 153 21.50 11.21 -9.13
N LEU B 154 22.46 11.10 -10.05
CA LEU B 154 22.61 9.92 -10.89
C LEU B 154 22.81 8.68 -10.03
N GLU B 155 23.67 8.76 -9.01
CA GLU B 155 23.91 7.63 -8.13
C GLU B 155 22.68 7.28 -7.29
N GLN B 156 21.85 8.28 -6.93
CA GLN B 156 20.66 7.97 -6.15
C GLN B 156 19.82 6.95 -6.90
N VAL B 157 19.65 7.15 -8.22
CA VAL B 157 18.85 6.23 -9.03
C VAL B 157 19.54 4.87 -9.16
N ILE B 158 20.83 4.86 -9.54
CA ILE B 158 21.59 3.63 -9.74
C ILE B 158 21.55 2.78 -8.47
N VAL B 159 21.93 3.39 -7.34
CA VAL B 159 22.09 2.68 -6.08
C VAL B 159 20.77 2.09 -5.62
N PHE B 160 19.67 2.86 -5.75
CA PHE B 160 18.39 2.40 -5.23
C PHE B 160 17.86 1.28 -6.14
N LYS B 161 17.95 1.47 -7.46
CA LYS B 161 17.51 0.46 -8.41
C LYS B 161 18.26 -0.86 -8.16
N ASN B 162 19.59 -0.79 -8.00
CA ASN B 162 20.42 -1.98 -7.77
C ASN B 162 20.07 -2.64 -6.44
N MET B 163 19.85 -1.86 -5.38
CA MET B 163 19.55 -2.45 -4.08
C MET B 163 18.23 -3.21 -4.14
N MET B 164 17.21 -2.61 -4.77
CA MET B 164 15.89 -3.20 -4.80
C MET B 164 15.84 -4.35 -5.84
N GLU B 165 16.48 -4.20 -7.00
CA GLU B 165 16.21 -5.09 -8.13
C GLU B 165 17.27 -6.18 -8.29
N GLN B 166 18.45 -6.03 -7.68
CA GLN B 166 19.43 -7.10 -7.74
C GLN B 166 19.27 -8.09 -6.58
N ASN B 167 19.65 -9.35 -6.83
CA ASN B 167 19.67 -10.38 -5.81
C ASN B 167 20.90 -10.16 -4.96
N ASN B 168 20.66 -9.67 -3.74
CA ASN B 168 21.72 -9.31 -2.82
C ASN B 168 21.36 -9.93 -1.46
N HIS B 169 21.99 -9.46 -0.39
CA HIS B 169 21.80 -10.08 0.90
C HIS B 169 20.55 -9.54 1.61
N PHE B 170 19.86 -8.53 1.04
CA PHE B 170 18.62 -8.03 1.61
C PHE B 170 17.46 -8.94 1.18
N SER B 171 16.60 -9.29 2.13
CA SER B 171 15.50 -10.21 1.89
C SER B 171 14.37 -9.48 1.14
N LYS B 172 13.55 -10.26 0.45
CA LYS B 172 12.39 -9.72 -0.26
C LYS B 172 11.43 -9.10 0.75
N LYS B 173 11.30 -9.72 1.93
CA LYS B 173 10.39 -9.27 2.97
C LYS B 173 10.76 -7.87 3.48
N ALA B 174 12.07 -7.62 3.65
CA ALA B 174 12.57 -6.30 4.01
C ALA B 174 12.28 -5.28 2.90
N LYS B 175 12.50 -5.63 1.64
CA LYS B 175 12.28 -4.72 0.52
C LYS B 175 10.80 -4.33 0.44
N ASN B 176 9.92 -5.31 0.72
CA ASN B 176 8.48 -5.14 0.68
C ASN B 176 8.01 -4.23 1.81
N GLN B 177 8.55 -4.42 3.02
CA GLN B 177 8.20 -3.52 4.12
C GLN B 177 8.74 -2.11 3.82
N LEU B 178 9.97 -1.98 3.32
CA LEU B 178 10.47 -0.67 2.90
C LEU B 178 9.53 -0.02 1.89
N SER B 179 9.17 -0.79 0.86
CA SER B 179 8.31 -0.33 -0.20
C SER B 179 6.97 0.19 0.33
N SER B 180 6.36 -0.56 1.25
CA SER B 180 5.12 -0.16 1.91
C SER B 180 5.25 1.19 2.59
N SER B 181 6.33 1.40 3.35
CA SER B 181 6.57 2.67 4.01
C SER B 181 6.73 3.82 3.01
N LEU B 182 7.08 3.54 1.73
CA LEU B 182 7.41 4.60 0.76
C LEU B 182 6.22 4.91 -0.14
N LEU B 183 5.12 4.15 -0.04
CA LEU B 183 4.03 4.31 -0.98
C LEU B 183 3.38 5.68 -0.80
N ILE B 184 3.20 6.43 -1.89
CA ILE B 184 2.61 7.75 -1.81
C ILE B 184 1.25 7.77 -2.48
N LYS B 185 1.15 7.18 -3.68
CA LYS B 185 -0.08 7.21 -4.47
C LYS B 185 -0.29 5.84 -5.12
N LYS B 186 -1.55 5.41 -5.18
CA LYS B 186 -1.92 4.26 -5.98
C LYS B 186 -3.26 4.53 -6.65
N ASN B 187 -3.31 4.23 -7.93
CA ASN B 187 -4.53 4.30 -8.70
C ASN B 187 -4.43 3.22 -9.77
N GLU B 188 -5.37 3.25 -10.71
CA GLU B 188 -5.50 2.19 -11.71
C GLU B 188 -4.33 2.25 -12.71
N LYS B 189 -3.67 3.41 -12.82
CA LYS B 189 -2.59 3.61 -13.78
C LYS B 189 -1.21 3.34 -13.17
N TYR B 190 -1.01 3.69 -11.88
CA TYR B 190 0.34 3.70 -11.32
C TYR B 190 0.36 3.59 -9.79
N GLU B 191 1.53 3.14 -9.30
CA GLU B 191 1.92 3.25 -7.91
C GLU B 191 3.18 4.10 -7.86
N LEU B 192 3.13 5.15 -7.02
CA LEU B 192 4.23 6.09 -6.83
C LEU B 192 4.75 5.93 -5.41
N TYR B 193 6.06 5.62 -5.33
CA TYR B 193 6.79 5.51 -4.09
C TYR B 193 7.88 6.57 -4.03
N GLY B 194 8.18 7.11 -2.86
CA GLY B 194 9.30 8.04 -2.82
C GLY B 194 9.54 8.65 -1.44
N LYS B 195 10.66 9.39 -1.35
CA LYS B 195 11.09 10.02 -0.11
C LYS B 195 11.77 11.36 -0.41
N THR B 196 11.28 12.39 0.26
CA THR B 196 11.86 13.73 0.22
C THR B 196 13.06 13.84 1.16
N GLY B 197 13.92 14.81 0.81
CA GLY B 197 14.99 15.24 1.69
C GLY B 197 15.21 16.73 1.51
N THR B 198 15.52 17.40 2.63
CA THR B 198 15.65 18.85 2.65
C THR B 198 16.84 19.23 3.52
N GLY B 199 17.80 19.96 2.96
CA GLY B 199 18.89 20.48 3.77
C GLY B 199 18.64 21.96 4.08
N ILE B 200 18.92 22.35 5.34
CA ILE B 200 18.82 23.73 5.76
C ILE B 200 20.17 24.17 6.33
N VAL B 201 20.66 25.31 5.82
CA VAL B 201 21.88 25.92 6.29
C VAL B 201 21.58 27.38 6.65
N ASN B 202 21.76 27.71 7.94
CA ASN B 202 21.51 29.05 8.48
C ASN B 202 20.10 29.52 8.11
N GLY B 203 19.09 28.67 8.36
CA GLY B 203 17.69 29.04 8.20
C GLY B 203 17.19 29.09 6.75
N LYS B 204 18.06 28.82 5.77
CA LYS B 204 17.67 28.83 4.36
C LYS B 204 17.77 27.43 3.72
N TYR B 205 16.84 27.12 2.82
CA TYR B 205 16.89 25.89 2.03
C TYR B 205 18.15 25.90 1.15
N ASN B 206 18.84 24.75 1.13
CA ASN B 206 20.16 24.63 0.53
C ASN B 206 20.27 23.38 -0.39
N ASN B 207 19.31 22.45 -0.30
CA ASN B 207 19.51 21.07 -0.78
C ASN B 207 18.17 20.33 -0.73
N GLY B 208 17.59 20.08 -1.90
CA GLY B 208 16.28 19.46 -2.01
C GLY B 208 16.32 18.20 -2.86
N TRP B 209 15.62 17.14 -2.39
CA TRP B 209 15.62 15.84 -3.04
C TRP B 209 14.20 15.28 -3.09
N PHE B 210 13.95 14.46 -4.11
CA PHE B 210 12.89 13.47 -4.10
C PHE B 210 13.39 12.27 -4.88
N VAL B 211 13.47 11.13 -4.20
CA VAL B 211 14.01 9.88 -4.74
C VAL B 211 12.90 8.86 -4.69
N GLY B 212 12.66 8.09 -5.75
CA GLY B 212 11.60 7.12 -5.66
C GLY B 212 11.48 6.21 -6.87
N TYR B 213 10.28 5.64 -7.06
CA TYR B 213 10.02 4.82 -8.22
C TYR B 213 8.51 4.72 -8.43
N VAL B 214 8.17 4.37 -9.68
CA VAL B 214 6.81 4.32 -10.19
C VAL B 214 6.63 2.96 -10.86
N ILE B 215 5.59 2.24 -10.47
CA ILE B 215 5.17 1.01 -11.14
C ILE B 215 3.95 1.35 -11.96
N THR B 216 4.01 1.14 -13.28
CA THR B 216 2.82 1.18 -14.12
C THR B 216 2.46 -0.25 -14.53
N ASN B 217 1.44 -0.37 -15.40
CA ASN B 217 1.06 -1.65 -15.98
C ASN B 217 2.18 -2.19 -16.88
N HIS B 218 3.00 -1.28 -17.46
CA HIS B 218 3.88 -1.62 -18.55
C HIS B 218 5.36 -1.59 -18.17
N ASP B 219 5.73 -0.96 -17.04
CA ASP B 219 7.14 -0.77 -16.72
C ASP B 219 7.30 -0.32 -15.26
N LYS B 220 8.57 -0.21 -14.84
CA LYS B 220 8.94 0.27 -13.53
C LYS B 220 10.09 1.24 -13.72
N TYR B 221 9.94 2.46 -13.17
CA TYR B 221 10.90 3.51 -13.34
C TYR B 221 11.43 3.96 -11.97
N TYR B 222 12.75 4.07 -11.85
CA TYR B 222 13.40 4.68 -10.69
C TYR B 222 13.76 6.10 -11.08
N PHE B 223 13.65 7.04 -10.16
CA PHE B 223 13.92 8.43 -10.50
C PHE B 223 14.41 9.18 -9.27
N ALA B 224 14.98 10.35 -9.55
CA ALA B 224 15.36 11.29 -8.51
C ALA B 224 15.45 12.69 -9.12
N THR B 225 15.01 13.67 -8.33
CA THR B 225 15.18 15.07 -8.58
C THR B 225 16.07 15.64 -7.47
N HIS B 226 17.05 16.46 -7.84
CA HIS B 226 17.86 17.22 -6.91
C HIS B 226 17.76 18.71 -7.27
N LEU B 227 17.60 19.56 -6.25
CA LEU B 227 17.57 21.02 -6.38
C LEU B 227 18.74 21.57 -5.57
N SER B 228 19.57 22.40 -6.23
CA SER B 228 20.75 22.99 -5.63
C SER B 228 20.57 24.49 -5.40
N ASP B 229 19.58 25.13 -6.03
CA ASP B 229 19.44 26.58 -5.93
C ASP B 229 18.00 26.94 -6.30
N GLY B 230 17.59 28.17 -5.93
CA GLY B 230 16.23 28.64 -6.11
C GLY B 230 15.44 28.55 -4.80
N LYS B 231 14.44 27.67 -4.77
CA LYS B 231 13.84 27.21 -3.52
C LYS B 231 14.16 25.72 -3.39
N PRO B 232 15.37 25.33 -2.97
CA PRO B 232 15.79 23.91 -3.01
C PRO B 232 15.33 23.09 -1.80
N SER B 233 14.03 22.76 -1.78
CA SER B 233 13.43 21.96 -0.72
C SER B 233 12.97 20.62 -1.26
N GLY B 234 12.77 19.65 -0.36
CA GLY B 234 12.28 18.32 -0.70
C GLY B 234 10.88 18.35 -1.31
N LYS B 235 9.98 19.15 -0.71
CA LYS B 235 8.63 19.33 -1.20
C LYS B 235 8.65 19.88 -2.63
N ASN B 236 9.54 20.83 -2.92
CA ASN B 236 9.64 21.39 -4.25
C ASN B 236 10.20 20.35 -5.22
N ALA B 237 11.17 19.55 -4.76
CA ALA B 237 11.74 18.50 -5.59
C ALA B 237 10.66 17.48 -5.96
N GLU B 238 9.72 17.24 -5.03
CA GLU B 238 8.62 16.31 -5.26
C GLU B 238 7.67 16.86 -6.31
N LEU B 239 7.26 18.13 -6.16
CA LEU B 239 6.35 18.77 -7.11
C LEU B 239 6.93 18.72 -8.53
N ILE B 240 8.20 19.10 -8.65
CA ILE B 240 8.89 19.08 -9.93
C ILE B 240 8.93 17.66 -10.48
N SER B 241 9.23 16.67 -9.64
CA SER B 241 9.29 15.26 -10.07
C SER B 241 7.95 14.84 -10.68
N GLU B 242 6.85 15.15 -9.98
CA GLU B 242 5.50 14.78 -10.42
C GLU B 242 5.15 15.49 -11.74
N LYS B 243 5.48 16.78 -11.89
CA LYS B 243 5.30 17.48 -13.15
C LYS B 243 6.07 16.80 -14.28
N ILE B 244 7.30 16.37 -14.04
CA ILE B 244 8.13 15.80 -15.09
C ILE B 244 7.61 14.42 -15.48
N LEU B 245 7.21 13.60 -14.50
CA LEU B 245 6.72 12.26 -14.77
C LEU B 245 5.36 12.33 -15.51
N LYS B 246 4.54 13.32 -15.16
CA LYS B 246 3.28 13.52 -15.86
C LYS B 246 3.58 13.84 -17.32
N GLU B 247 4.44 14.85 -17.53
CA GLU B 247 4.79 15.35 -18.85
C GLU B 247 5.34 14.24 -19.72
N MET B 248 6.03 13.25 -19.13
CA MET B 248 6.70 12.21 -19.90
C MET B 248 5.73 11.06 -20.21
N GLY B 249 4.51 11.13 -19.67
CA GLY B 249 3.52 10.08 -19.90
C GLY B 249 3.64 8.91 -18.93
N VAL B 250 4.45 9.04 -17.87
CA VAL B 250 4.72 7.95 -16.95
C VAL B 250 3.51 7.72 -16.04
N LEU B 251 2.75 8.78 -15.78
CA LEU B 251 1.50 8.72 -15.01
C LEU B 251 0.29 8.59 -15.94
N ASN B 252 0.57 8.46 -17.24
CA ASN B 252 -0.39 8.08 -18.27
C ASN B 252 -1.25 9.31 -18.61
C13 SYU C . -16.54 -13.63 -8.20
C12 SYU C . -10.05 -11.26 -13.64
C10 SYU C . -10.55 -9.92 -11.55
C01 SYU C . -13.28 -9.96 -8.85
N01 SYU C . -16.59 -11.22 -8.72
O01 SYU C . -17.23 -13.61 -6.98
C02 SYU C . -15.87 -12.35 -8.46
N02 SYU C . -14.53 -10.69 -8.72
S02 SYU C . -16.11 -8.63 -9.30
C03 SYU C . -14.57 -12.00 -8.46
C04 SYU C . -10.92 -10.96 -12.43
C05 SYU C . -15.73 -10.18 -8.88
C06 SYU C . -11.32 -9.59 -10.39
C07 SYU C . -12.50 -10.31 -10.12
C08 SYU C . -12.86 -11.35 -11.00
C09 SYU C . -12.08 -11.67 -12.12
C11 SYU C . -10.91 -8.45 -9.45
F01 SYU C . -11.84 -7.45 -9.50
F02 SYU C . -10.71 -8.69 -8.10
F03 SYU C . -9.79 -7.91 -9.91
F13 SYU C . -10.15 -12.54 -13.95
F14 SYU C . -10.36 -10.62 -14.77
F15 SYU C . -8.73 -11.11 -13.43
C13 SYU D . 15.28 16.35 6.20
C01 SYU D . 10.26 16.03 5.92
N01 SYU D . 13.51 16.65 4.50
O01 SYU D . 16.12 15.94 5.15
C02 SYU D . 13.87 16.35 5.79
N02 SYU D . 11.67 16.22 5.56
S02 SYU D . 11.32 16.90 3.01
C03 SYU D . 12.71 16.06 6.46
C05 SYU D . 12.16 16.57 4.36
C07 SYU D . 9.38 17.21 5.58
#